data_3DAN
#
_entry.id   3DAN
#
_cell.length_a   113.488
_cell.length_b   113.488
_cell.length_c   163.846
_cell.angle_alpha   90.00
_cell.angle_beta   90.00
_cell.angle_gamma   90.00
#
_symmetry.space_group_name_H-M   'I 4 2 2'
#
loop_
_entity.id
_entity.type
_entity.pdbx_description
1 polymer 'Cytochrome P450 74A2'
2 non-polymer 'PROTOPORPHYRIN IX CONTAINING FE'
3 water water
#
_entity_poly.entity_id   1
_entity_poly.type   'polypeptide(L)'
_entity_poly.pdbx_seq_one_letter_code
;MDPSSKPLREIPGSYGIPFFQPIKDRLEYFYGTGGRDEYFRSRMQKYQSTVFRANMPPGPFVSSNPKVIVLLDAKSFPIL
FDVSKVEKKDLFTGTYMPSTKLTGGYRVLSYLDPSEPRHAQLKNLLFFMLKNSSNRVIPQFETTYTELFEGLEAELAKNG
KAAFNDVGEQAAFRFLGRAYFNSNPEETKLGTSAPTLISSWVLFNLAPTLDLGLPWFLQEPLLHTFRLPAFLIKSTYNKL
YDYFQSVATPVMEQAEKLGVPKDEAVHNILFAVCFNTFGGVKILFPNTLKWIGLAGENLHTQLAEEIRGAIKSYGDGNVT
LEAIEQMPLTKSVVYESLRIEPPVPPQYGKAKSNFTIESHDATFEVKKGEMLFGYQPFATKDPKVFDRPEEYVPDRFVGD
GEALLKYVWWSNGPETESPTVENKQCAGKDFVVLITRLFVIELFRRYDSFEIELGESPLGAAVTLTFLKRASI
;
_entity_poly.pdbx_strand_id   A
#
loop_
_chem_comp.id
_chem_comp.type
_chem_comp.name
_chem_comp.formula
HEM non-polymer 'PROTOPORPHYRIN IX CONTAINING FE' 'C34 H32 Fe N4 O4'
#
# COMPACT_ATOMS: atom_id res chain seq x y z
N MET A 1 -15.11 -18.91 -19.01
CA MET A 1 -15.59 -20.11 -19.74
C MET A 1 -15.94 -21.22 -18.74
N ASP A 2 -16.67 -22.24 -19.22
CA ASP A 2 -17.05 -23.35 -18.35
C ASP A 2 -15.80 -24.04 -17.82
N PRO A 3 -15.75 -24.27 -16.49
CA PRO A 3 -14.58 -24.94 -15.90
C PRO A 3 -14.32 -26.33 -16.46
N SER A 4 -15.34 -26.93 -17.07
CA SER A 4 -15.19 -28.26 -17.65
C SER A 4 -14.40 -28.17 -18.94
N SER A 5 -14.21 -26.94 -19.42
CA SER A 5 -13.45 -26.70 -20.64
C SER A 5 -12.03 -26.25 -20.31
N LYS A 6 -11.70 -26.24 -19.02
CA LYS A 6 -10.37 -25.87 -18.56
C LYS A 6 -9.65 -27.13 -18.12
N PRO A 7 -8.87 -27.74 -19.02
CA PRO A 7 -8.14 -28.96 -18.70
C PRO A 7 -7.17 -28.82 -17.54
N LEU A 8 -6.97 -29.91 -16.81
CA LEU A 8 -6.04 -29.94 -15.70
C LEU A 8 -4.66 -30.05 -16.35
N ARG A 9 -3.79 -29.08 -16.08
CA ARG A 9 -2.46 -29.07 -16.68
C ARG A 9 -1.38 -28.91 -15.62
N GLU A 10 -0.15 -29.23 -16.00
CA GLU A 10 0.97 -29.08 -15.08
C GLU A 10 1.27 -27.58 -15.07
N ILE A 11 1.70 -27.06 -13.93
CA ILE A 11 2.03 -25.63 -13.85
C ILE A 11 3.31 -25.43 -14.65
N PRO A 12 3.26 -24.57 -15.69
CA PRO A 12 4.46 -24.32 -16.48
C PRO A 12 5.52 -23.56 -15.69
N GLY A 13 6.78 -23.67 -16.14
CA GLY A 13 7.85 -22.97 -15.45
C GLY A 13 8.79 -23.89 -14.72
N SER A 14 10.00 -23.42 -14.46
CA SER A 14 11.02 -24.21 -13.78
C SER A 14 11.82 -23.31 -12.83
N TYR A 15 12.45 -23.91 -11.83
CA TYR A 15 13.24 -23.13 -10.87
C TYR A 15 14.73 -23.16 -11.19
N GLY A 16 15.14 -24.09 -12.04
CA GLY A 16 16.54 -24.19 -12.44
C GLY A 16 17.54 -24.62 -11.38
N ILE A 17 18.81 -24.30 -11.62
CA ILE A 17 19.88 -24.65 -10.69
C ILE A 17 19.70 -23.85 -9.41
N PRO A 18 19.50 -24.52 -8.27
CA PRO A 18 19.29 -23.98 -6.93
C PRO A 18 19.74 -22.57 -6.57
N PHE A 19 21.04 -22.39 -6.35
CA PHE A 19 21.62 -21.10 -5.96
C PHE A 19 21.78 -20.13 -7.13
N PHE A 20 22.27 -20.66 -8.24
CA PHE A 20 22.53 -19.93 -9.46
C PHE A 20 21.34 -19.22 -10.13
N GLN A 21 20.29 -19.97 -10.44
CA GLN A 21 19.14 -19.40 -11.13
C GLN A 21 18.44 -18.26 -10.38
N PRO A 22 18.23 -18.40 -9.06
CA PRO A 22 17.57 -17.29 -8.37
C PRO A 22 18.35 -15.98 -8.43
N ILE A 23 19.68 -16.08 -8.54
CA ILE A 23 20.51 -14.88 -8.63
C ILE A 23 20.36 -14.29 -10.02
N LYS A 24 20.40 -15.16 -11.04
CA LYS A 24 20.24 -14.70 -12.40
C LYS A 24 18.86 -14.06 -12.57
N ASP A 25 17.85 -14.67 -11.96
CA ASP A 25 16.49 -14.15 -12.06
C ASP A 25 16.30 -12.80 -11.38
N ARG A 26 16.93 -12.61 -10.21
CA ARG A 26 16.75 -11.32 -9.55
C ARG A 26 17.47 -10.21 -10.33
N LEU A 27 18.49 -10.59 -11.10
CA LEU A 27 19.20 -9.61 -11.92
C LEU A 27 18.24 -9.18 -13.04
N GLU A 28 17.48 -10.13 -13.58
CA GLU A 28 16.52 -9.82 -14.63
C GLU A 28 15.41 -8.94 -14.05
N TYR A 29 14.96 -9.31 -12.87
CA TYR A 29 13.91 -8.60 -12.16
C TYR A 29 14.25 -7.13 -11.92
N PHE A 30 15.45 -6.87 -11.42
CA PHE A 30 15.89 -5.52 -11.10
C PHE A 30 16.57 -4.69 -12.20
N TYR A 31 17.22 -5.35 -13.15
CA TYR A 31 17.94 -4.62 -14.19
C TYR A 31 17.56 -4.93 -15.63
N GLY A 32 16.66 -5.90 -15.82
CA GLY A 32 16.23 -6.25 -17.16
C GLY A 32 15.39 -5.15 -17.79
N THR A 33 15.38 -5.07 -19.11
CA THR A 33 14.61 -4.04 -19.78
C THR A 33 13.12 -4.25 -19.47
N GLY A 34 12.43 -3.18 -19.08
CA GLY A 34 11.02 -3.28 -18.77
C GLY A 34 10.75 -3.48 -17.28
N GLY A 35 11.81 -3.67 -16.50
CA GLY A 35 11.65 -3.85 -15.07
C GLY A 35 10.85 -5.07 -14.66
N ARG A 36 10.35 -5.06 -13.42
CA ARG A 36 9.58 -6.19 -12.91
C ARG A 36 8.30 -6.47 -13.69
N ASP A 37 7.70 -5.44 -14.28
CA ASP A 37 6.49 -5.69 -15.06
C ASP A 37 6.82 -6.65 -16.21
N GLU A 38 7.96 -6.42 -16.87
CA GLU A 38 8.38 -7.26 -17.98
C GLU A 38 8.80 -8.63 -17.48
N TYR A 39 9.31 -8.68 -16.25
CA TYR A 39 9.73 -9.94 -15.65
C TYR A 39 8.52 -10.87 -15.69
N PHE A 40 7.37 -10.34 -15.28
CA PHE A 40 6.14 -11.11 -15.25
C PHE A 40 5.49 -11.27 -16.63
N ARG A 41 5.42 -10.19 -17.40
CA ARG A 41 4.79 -10.26 -18.71
C ARG A 41 5.50 -11.23 -19.65
N SER A 42 6.83 -11.22 -19.65
CA SER A 42 7.60 -12.10 -20.52
C SER A 42 7.33 -13.57 -20.21
N ARG A 43 7.13 -13.89 -18.94
CA ARG A 43 6.86 -15.26 -18.55
C ARG A 43 5.43 -15.65 -18.95
N MET A 44 4.52 -14.70 -18.83
CA MET A 44 3.13 -14.96 -19.20
C MET A 44 3.10 -15.30 -20.70
N GLN A 45 3.86 -14.55 -21.48
CA GLN A 45 3.93 -14.76 -22.93
C GLN A 45 4.60 -16.09 -23.25
N LYS A 46 5.75 -16.32 -22.62
CA LYS A 46 6.51 -17.55 -22.83
C LYS A 46 5.70 -18.81 -22.57
N TYR A 47 4.96 -18.82 -21.47
CA TYR A 47 4.17 -19.99 -21.10
C TYR A 47 2.71 -19.91 -21.52
N GLN A 48 2.30 -18.80 -22.13
CA GLN A 48 0.92 -18.62 -22.54
C GLN A 48 0.02 -18.98 -21.36
N SER A 49 0.35 -18.44 -20.19
CA SER A 49 -0.41 -18.71 -18.98
C SER A 49 -0.23 -17.59 -17.95
N THR A 50 -1.28 -17.30 -17.20
CA THR A 50 -1.22 -16.27 -16.18
C THR A 50 -0.81 -16.90 -14.85
N VAL A 51 -0.56 -18.21 -14.88
CA VAL A 51 -0.12 -18.97 -13.71
C VAL A 51 1.14 -19.74 -14.13
N PHE A 52 2.22 -19.53 -13.39
CA PHE A 52 3.47 -20.22 -13.72
C PHE A 52 4.44 -20.19 -12.55
N ARG A 53 5.41 -21.09 -12.59
CA ARG A 53 6.43 -21.17 -11.55
C ARG A 53 7.53 -20.18 -11.87
N ALA A 54 8.12 -19.60 -10.83
CA ALA A 54 9.21 -18.66 -11.00
C ALA A 54 9.93 -18.42 -9.69
N ASN A 55 11.16 -17.92 -9.78
CA ASN A 55 11.94 -17.59 -8.60
C ASN A 55 11.66 -16.11 -8.35
N MET A 56 11.70 -15.70 -7.10
CA MET A 56 11.44 -14.30 -6.74
C MET A 56 12.59 -13.76 -5.90
N PRO A 57 12.78 -12.43 -5.90
CA PRO A 57 13.86 -11.84 -5.10
C PRO A 57 13.41 -12.06 -3.65
N PRO A 58 14.32 -11.89 -2.68
CA PRO A 58 15.74 -11.48 -2.82
C PRO A 58 16.72 -12.58 -3.19
N GLY A 59 16.31 -13.83 -3.12
CA GLY A 59 17.23 -14.89 -3.45
C GLY A 59 18.17 -15.22 -2.30
N PRO A 60 19.14 -16.13 -2.55
CA PRO A 60 20.18 -16.70 -1.70
C PRO A 60 20.28 -16.40 -0.21
N PHE A 61 21.31 -15.70 0.21
CA PHE A 61 21.48 -15.50 1.63
C PHE A 61 20.36 -14.84 2.42
N VAL A 62 19.69 -13.83 1.87
CA VAL A 62 18.60 -13.22 2.63
C VAL A 62 17.42 -14.20 2.73
N SER A 63 17.09 -14.82 1.62
CA SER A 63 15.98 -15.79 1.56
C SER A 63 16.44 -17.22 1.38
N SER A 64 15.95 -18.12 2.25
CA SER A 64 16.25 -19.54 2.15
C SER A 64 15.36 -20.31 1.11
N ASN A 65 14.37 -19.66 0.48
CA ASN A 65 13.53 -20.33 -0.51
C ASN A 65 12.86 -19.32 -1.42
N PRO A 66 13.40 -19.14 -2.63
CA PRO A 66 12.88 -18.19 -3.63
C PRO A 66 11.77 -18.73 -4.54
N LYS A 67 11.43 -20.01 -4.39
CA LYS A 67 10.44 -20.63 -5.26
C LYS A 67 8.96 -20.31 -4.98
N VAL A 68 8.26 -19.84 -6.01
CA VAL A 68 6.85 -19.52 -5.87
C VAL A 68 6.06 -19.92 -7.10
N ILE A 69 4.75 -19.81 -7.01
CA ILE A 69 3.84 -20.05 -8.12
C ILE A 69 3.21 -18.67 -8.32
N VAL A 70 3.42 -18.08 -9.47
CA VAL A 70 2.90 -16.74 -9.78
C VAL A 70 1.48 -16.74 -10.33
N LEU A 71 0.64 -15.84 -9.80
CA LEU A 71 -0.75 -15.70 -10.23
C LEU A 71 -0.95 -14.28 -10.75
N LEU A 72 -1.34 -14.14 -12.02
CA LEU A 72 -1.51 -12.82 -12.61
C LEU A 72 -2.92 -12.44 -13.04
N ASP A 73 -3.86 -13.38 -13.00
CA ASP A 73 -5.23 -13.09 -13.44
C ASP A 73 -6.23 -12.98 -12.29
N ALA A 74 -7.40 -12.41 -12.60
CA ALA A 74 -8.45 -12.21 -11.61
C ALA A 74 -9.20 -13.46 -11.17
N LYS A 75 -9.05 -14.56 -11.90
CA LYS A 75 -9.73 -15.79 -11.53
C LYS A 75 -8.94 -16.57 -10.47
N SER A 76 -7.62 -16.58 -10.61
CA SER A 76 -6.77 -17.30 -9.67
C SER A 76 -6.37 -16.51 -8.42
N PHE A 77 -6.09 -15.22 -8.60
CA PHE A 77 -5.65 -14.33 -7.53
C PHE A 77 -6.34 -14.41 -6.15
N PRO A 78 -7.69 -14.41 -6.12
CA PRO A 78 -8.45 -14.48 -4.87
C PRO A 78 -8.08 -15.57 -3.86
N ILE A 79 -7.40 -16.62 -4.33
CA ILE A 79 -7.00 -17.69 -3.43
C ILE A 79 -6.14 -17.09 -2.30
N LEU A 80 -5.46 -15.99 -2.62
CA LEU A 80 -4.57 -15.33 -1.66
C LEU A 80 -5.33 -14.72 -0.47
N PHE A 81 -6.65 -14.58 -0.59
CA PHE A 81 -7.46 -14.01 0.50
C PHE A 81 -8.05 -15.10 1.37
N ASP A 82 -8.12 -16.31 0.83
CA ASP A 82 -8.70 -17.46 1.53
C ASP A 82 -7.81 -18.06 2.60
N VAL A 83 -7.94 -17.58 3.83
CA VAL A 83 -7.11 -18.08 4.92
C VAL A 83 -7.41 -19.52 5.34
N SER A 84 -8.45 -20.12 4.76
CA SER A 84 -8.77 -21.51 5.09
C SER A 84 -7.88 -22.42 4.22
N LYS A 85 -7.37 -21.85 3.13
CA LYS A 85 -6.51 -22.58 2.20
C LYS A 85 -5.05 -22.12 2.21
N VAL A 86 -4.81 -20.85 2.57
CA VAL A 86 -3.44 -20.36 2.60
C VAL A 86 -3.03 -19.81 3.97
N GLU A 87 -1.79 -20.12 4.33
CA GLU A 87 -1.21 -19.66 5.58
C GLU A 87 -0.57 -18.30 5.27
N LYS A 88 -0.69 -17.37 6.20
CA LYS A 88 -0.14 -16.02 6.01
C LYS A 88 0.81 -15.71 7.16
N LYS A 89 1.78 -16.59 7.36
CA LYS A 89 2.74 -16.43 8.43
C LYS A 89 4.12 -16.02 7.91
N ASP A 90 4.66 -14.94 8.47
CA ASP A 90 5.99 -14.42 8.12
C ASP A 90 6.20 -14.18 6.63
N LEU A 91 5.15 -13.78 5.91
CA LEU A 91 5.30 -13.53 4.48
C LEU A 91 4.78 -12.16 4.02
N PHE A 92 4.69 -11.24 4.98
CA PHE A 92 4.26 -9.87 4.73
C PHE A 92 5.22 -9.26 3.68
N THR A 93 6.49 -9.63 3.75
CA THR A 93 7.46 -9.12 2.79
C THR A 93 7.94 -10.19 1.80
N GLY A 94 7.14 -11.24 1.61
CA GLY A 94 7.52 -12.26 0.65
C GLY A 94 8.26 -13.50 1.12
N THR A 95 9.27 -13.91 0.35
CA THR A 95 10.05 -15.10 0.64
C THR A 95 11.12 -14.95 1.70
N TYR A 96 11.08 -13.83 2.42
CA TYR A 96 12.00 -13.57 3.51
C TYR A 96 11.28 -12.66 4.48
N MET A 97 11.80 -12.56 5.69
CA MET A 97 11.21 -11.70 6.70
C MET A 97 12.34 -10.88 7.32
N PRO A 98 12.16 -9.57 7.46
CA PRO A 98 13.21 -8.74 8.06
C PRO A 98 13.46 -9.23 9.48
N SER A 99 14.69 -9.06 9.96
CA SER A 99 15.05 -9.47 11.31
C SER A 99 14.14 -8.81 12.35
N THR A 100 13.75 -9.57 13.39
CA THR A 100 12.92 -9.02 14.44
C THR A 100 13.70 -8.03 15.28
N LYS A 101 15.01 -7.96 15.08
CA LYS A 101 15.82 -6.99 15.82
C LYS A 101 15.47 -5.60 15.31
N LEU A 102 14.80 -5.54 14.16
CA LEU A 102 14.40 -4.27 13.57
C LEU A 102 13.03 -3.84 14.11
N THR A 103 12.38 -4.74 14.82
CA THR A 103 11.06 -4.46 15.39
C THR A 103 10.97 -4.77 16.89
N GLY A 104 11.96 -4.29 17.62
CA GLY A 104 11.98 -4.47 19.07
C GLY A 104 12.11 -5.89 19.59
N GLY A 105 12.41 -6.83 18.71
CA GLY A 105 12.55 -8.23 19.10
C GLY A 105 11.26 -9.01 19.00
N TYR A 106 10.21 -8.35 18.52
CA TYR A 106 8.90 -8.99 18.37
C TYR A 106 8.52 -9.27 16.92
N ARG A 107 7.67 -10.28 16.74
CA ARG A 107 7.14 -10.56 15.41
C ARG A 107 5.86 -9.74 15.46
N VAL A 108 5.82 -8.62 14.75
CA VAL A 108 4.65 -7.76 14.77
C VAL A 108 3.46 -8.30 13.98
N LEU A 109 2.29 -7.73 14.25
CA LEU A 109 1.03 -8.15 13.65
C LEU A 109 1.03 -8.52 12.16
N SER A 110 1.63 -7.69 11.33
CA SER A 110 1.63 -7.94 9.89
C SER A 110 2.20 -9.29 9.47
N TYR A 111 3.04 -9.88 10.31
CA TYR A 111 3.66 -11.18 10.01
C TYR A 111 2.93 -12.35 10.66
N LEU A 112 1.86 -12.06 11.41
CA LEU A 112 1.14 -13.14 12.11
C LEU A 112 -0.02 -13.76 11.33
N ASP A 113 -0.15 -15.08 11.42
CA ASP A 113 -1.24 -15.78 10.77
C ASP A 113 -2.46 -15.64 11.70
N PRO A 114 -3.68 -15.66 11.15
CA PRO A 114 -4.87 -15.51 12.01
C PRO A 114 -5.02 -16.61 13.07
N SER A 115 -4.32 -17.73 12.88
CA SER A 115 -4.39 -18.82 13.84
C SER A 115 -3.63 -18.50 15.13
N GLU A 116 -2.85 -17.43 15.11
CA GLU A 116 -2.08 -17.01 16.28
C GLU A 116 -2.90 -16.06 17.15
N PRO A 117 -3.01 -16.36 18.45
CA PRO A 117 -3.78 -15.50 19.38
C PRO A 117 -3.40 -14.02 19.29
N ARG A 118 -2.10 -13.75 19.21
CA ARG A 118 -1.62 -12.37 19.12
C ARG A 118 -2.19 -11.62 17.92
N HIS A 119 -2.51 -12.35 16.85
CA HIS A 119 -3.07 -11.69 15.69
C HIS A 119 -4.40 -11.04 16.05
N ALA A 120 -5.24 -11.76 16.75
CA ALA A 120 -6.54 -11.23 17.16
C ALA A 120 -6.38 -10.09 18.16
N GLN A 121 -5.49 -10.28 19.14
CA GLN A 121 -5.26 -9.27 20.16
C GLN A 121 -4.74 -7.96 19.55
N LEU A 122 -3.69 -8.07 18.74
CA LEU A 122 -3.09 -6.88 18.14
C LEU A 122 -3.98 -6.21 17.10
N LYS A 123 -4.71 -6.99 16.31
CA LYS A 123 -5.56 -6.36 15.29
C LYS A 123 -6.72 -5.64 16.00
N ASN A 124 -7.22 -6.22 17.09
CA ASN A 124 -8.30 -5.58 17.85
C ASN A 124 -7.73 -4.28 18.44
N LEU A 125 -6.47 -4.31 18.85
CA LEU A 125 -5.84 -3.13 19.42
C LEU A 125 -5.77 -2.01 18.38
N LEU A 126 -5.44 -2.35 17.14
CA LEU A 126 -5.38 -1.33 16.12
C LEU A 126 -6.77 -0.81 15.77
N PHE A 127 -7.77 -1.69 15.85
CA PHE A 127 -9.14 -1.26 15.59
C PHE A 127 -9.50 -0.21 16.64
N PHE A 128 -9.06 -0.43 17.87
CA PHE A 128 -9.34 0.52 18.94
C PHE A 128 -8.70 1.87 18.63
N MET A 129 -7.45 1.84 18.19
CA MET A 129 -6.72 3.05 17.86
C MET A 129 -7.44 3.85 16.76
N LEU A 130 -7.94 3.12 15.76
CA LEU A 130 -8.65 3.77 14.65
C LEU A 130 -9.98 4.37 15.11
N LYS A 131 -10.76 3.60 15.86
CA LYS A 131 -12.04 4.10 16.35
C LYS A 131 -11.84 5.30 17.27
N ASN A 132 -10.81 5.24 18.10
CA ASN A 132 -10.48 6.30 19.05
C ASN A 132 -10.15 7.64 18.37
N SER A 133 -9.74 7.59 17.11
CA SER A 133 -9.37 8.79 16.38
C SER A 133 -10.49 9.34 15.49
N SER A 134 -11.59 8.60 15.40
CA SER A 134 -12.70 8.98 14.53
C SER A 134 -13.14 10.44 14.57
N ASN A 135 -13.21 11.03 15.76
CA ASN A 135 -13.63 12.42 15.89
C ASN A 135 -12.58 13.45 15.50
N ARG A 136 -11.33 13.03 15.40
CA ARG A 136 -10.25 13.94 15.05
C ARG A 136 -9.85 13.87 13.57
N VAL A 137 -10.21 12.78 12.91
CA VAL A 137 -9.81 12.59 11.51
C VAL A 137 -10.09 13.74 10.56
N ILE A 138 -11.35 14.11 10.40
CA ILE A 138 -11.66 15.20 9.46
C ILE A 138 -11.05 16.56 9.83
N PRO A 139 -11.27 17.04 11.06
CA PRO A 139 -10.72 18.34 11.47
C PRO A 139 -9.19 18.41 11.37
N GLN A 140 -8.52 17.34 11.80
CA GLN A 140 -7.07 17.34 11.76
C GLN A 140 -6.53 17.19 10.34
N PHE A 141 -7.27 16.50 9.48
CA PHE A 141 -6.83 16.35 8.09
C PHE A 141 -6.91 17.72 7.42
N GLU A 142 -8.03 18.40 7.65
CA GLU A 142 -8.23 19.73 7.06
C GLU A 142 -7.14 20.69 7.48
N THR A 143 -6.85 20.73 8.77
CA THR A 143 -5.81 21.62 9.29
C THR A 143 -4.44 21.33 8.68
N THR A 144 -4.06 20.07 8.72
CA THR A 144 -2.76 19.64 8.20
C THR A 144 -2.58 19.88 6.72
N TYR A 145 -3.58 19.50 5.92
CA TYR A 145 -3.45 19.67 4.49
C TYR A 145 -3.67 21.10 4.00
N THR A 146 -4.29 21.94 4.83
CA THR A 146 -4.45 23.34 4.46
C THR A 146 -3.05 23.93 4.58
N GLU A 147 -2.33 23.55 5.64
CA GLU A 147 -0.97 24.03 5.85
C GLU A 147 -0.11 23.59 4.66
N LEU A 148 -0.26 22.33 4.25
CA LEU A 148 0.50 21.80 3.13
C LEU A 148 0.26 22.60 1.85
N PHE A 149 -1.01 22.80 1.52
CA PHE A 149 -1.36 23.54 0.31
C PHE A 149 -0.88 24.99 0.33
N GLU A 150 -1.00 25.65 1.48
CA GLU A 150 -0.54 27.03 1.58
C GLU A 150 0.96 27.08 1.32
N GLY A 151 1.67 26.05 1.80
CA GLY A 151 3.10 25.98 1.60
C GLY A 151 3.46 25.73 0.14
N LEU A 152 2.74 24.83 -0.51
CA LEU A 152 3.00 24.50 -1.92
C LEU A 152 2.69 25.72 -2.78
N GLU A 153 1.61 26.42 -2.44
CA GLU A 153 1.20 27.63 -3.15
C GLU A 153 2.31 28.68 -3.09
N ALA A 154 2.84 28.92 -1.90
CA ALA A 154 3.91 29.89 -1.73
C ALA A 154 5.15 29.46 -2.54
N GLU A 155 5.52 28.18 -2.46
CA GLU A 155 6.68 27.70 -3.20
C GLU A 155 6.53 27.92 -4.70
N LEU A 156 5.35 27.60 -5.21
CA LEU A 156 5.06 27.74 -6.63
C LEU A 156 5.15 29.20 -7.07
N ALA A 157 4.57 30.09 -6.28
CA ALA A 157 4.56 31.52 -6.60
C ALA A 157 5.96 32.11 -6.66
N LYS A 158 6.86 31.59 -5.82
CA LYS A 158 8.24 32.08 -5.76
C LYS A 158 9.20 31.37 -6.68
N ASN A 159 8.91 30.10 -7.00
CA ASN A 159 9.85 29.32 -7.82
C ASN A 159 9.35 28.81 -9.17
N GLY A 160 8.04 28.84 -9.39
CA GLY A 160 7.51 28.36 -10.66
C GLY A 160 7.17 26.88 -10.68
N LYS A 161 7.63 26.17 -9.65
CA LYS A 161 7.38 24.73 -9.51
C LYS A 161 7.38 24.39 -8.03
N ALA A 162 6.67 23.32 -7.66
CA ALA A 162 6.61 22.89 -6.27
C ALA A 162 6.53 21.38 -6.19
N ALA A 163 7.62 20.74 -5.75
CA ALA A 163 7.64 19.28 -5.62
C ALA A 163 6.69 18.90 -4.50
N PHE A 164 5.87 17.89 -4.75
CA PHE A 164 4.90 17.45 -3.75
C PHE A 164 5.41 16.47 -2.69
N ASN A 165 6.04 15.40 -3.14
CA ASN A 165 6.53 14.33 -2.28
C ASN A 165 7.11 14.65 -0.91
N ASP A 166 8.21 15.40 -0.86
CA ASP A 166 8.85 15.72 0.41
C ASP A 166 7.95 16.39 1.44
N VAL A 167 7.46 17.59 1.12
CA VAL A 167 6.59 18.30 2.04
C VAL A 167 5.30 17.50 2.27
N GLY A 168 4.92 16.72 1.27
CA GLY A 168 3.73 15.90 1.37
C GLY A 168 3.92 14.81 2.43
N GLU A 169 5.13 14.27 2.49
CA GLU A 169 5.43 13.22 3.47
C GLU A 169 5.44 13.81 4.88
N GLN A 170 5.98 15.02 5.02
CA GLN A 170 6.01 15.67 6.32
C GLN A 170 4.57 15.91 6.78
N ALA A 171 3.71 16.34 5.85
CA ALA A 171 2.32 16.59 6.17
C ALA A 171 1.61 15.29 6.58
N ALA A 172 1.92 14.22 5.88
CA ALA A 172 1.30 12.93 6.18
C ALA A 172 1.58 12.52 7.63
N PHE A 173 2.84 12.59 8.04
CA PHE A 173 3.16 12.20 9.40
C PHE A 173 2.59 13.16 10.42
N ARG A 174 2.55 14.45 10.09
CA ARG A 174 2.01 15.44 11.00
C ARG A 174 0.53 15.12 11.23
N PHE A 175 -0.17 14.78 10.15
CA PHE A 175 -1.59 14.43 10.24
C PHE A 175 -1.80 13.17 11.08
N LEU A 176 -0.98 12.16 10.86
CA LEU A 176 -1.13 10.91 11.59
C LEU A 176 -0.96 11.12 13.10
N GLY A 177 0.03 11.90 13.50
CA GLY A 177 0.24 12.16 14.91
C GLY A 177 -0.97 12.88 15.50
N ARG A 178 -1.49 13.84 14.76
CA ARG A 178 -2.65 14.60 15.22
C ARG A 178 -3.93 13.77 15.30
N ALA A 179 -4.17 12.96 14.27
CA ALA A 179 -5.37 12.13 14.25
C ALA A 179 -5.32 10.97 15.24
N TYR A 180 -4.27 10.17 15.16
CA TYR A 180 -4.15 9.03 16.05
C TYR A 180 -3.93 9.36 17.52
N PHE A 181 -3.08 10.35 17.78
CA PHE A 181 -2.74 10.68 19.17
C PHE A 181 -2.98 12.10 19.65
N ASN A 182 -3.60 12.94 18.82
CA ASN A 182 -3.85 14.32 19.18
C ASN A 182 -2.51 14.99 19.51
N SER A 183 -1.48 14.65 18.74
CA SER A 183 -0.14 15.18 18.94
C SER A 183 0.55 15.62 17.65
N ASN A 184 1.07 16.84 17.64
CA ASN A 184 1.79 17.32 16.45
C ASN A 184 3.23 16.86 16.67
N PRO A 185 3.68 15.85 15.91
CA PRO A 185 5.05 15.35 16.07
C PRO A 185 6.14 16.40 15.87
N GLU A 186 5.82 17.45 15.12
CA GLU A 186 6.80 18.51 14.87
C GLU A 186 7.14 19.33 16.10
N GLU A 187 6.33 19.21 17.15
CA GLU A 187 6.54 19.93 18.40
C GLU A 187 7.38 19.10 19.36
N THR A 188 7.66 17.85 19.00
CA THR A 188 8.45 16.99 19.85
C THR A 188 9.89 16.97 19.36
N LYS A 189 10.69 16.10 19.95
CA LYS A 189 12.09 15.98 19.56
C LYS A 189 12.24 15.54 18.12
N LEU A 190 11.19 14.97 17.54
CA LEU A 190 11.19 14.51 16.15
C LEU A 190 11.30 15.67 15.15
N GLY A 191 10.75 16.83 15.50
CA GLY A 191 10.78 17.95 14.58
C GLY A 191 10.17 17.55 13.25
N THR A 192 10.79 17.94 12.15
CA THR A 192 10.31 17.61 10.82
C THR A 192 11.12 16.47 10.21
N SER A 193 11.83 15.72 11.05
CA SER A 193 12.68 14.63 10.56
C SER A 193 12.05 13.25 10.48
N ALA A 194 10.82 13.11 10.96
CA ALA A 194 10.17 11.79 10.95
C ALA A 194 10.26 11.05 9.62
N PRO A 195 9.91 11.72 8.51
CA PRO A 195 9.99 11.03 7.21
C PRO A 195 11.37 10.45 6.91
N THR A 196 12.43 11.17 7.29
CA THR A 196 13.79 10.70 7.05
C THR A 196 14.15 9.53 7.96
N LEU A 197 13.73 9.61 9.22
CA LEU A 197 14.00 8.54 10.17
C LEU A 197 13.28 7.28 9.73
N ILE A 198 12.01 7.42 9.37
CA ILE A 198 11.22 6.27 8.94
C ILE A 198 11.77 5.64 7.67
N SER A 199 12.10 6.47 6.68
CA SER A 199 12.65 5.96 5.42
C SER A 199 13.92 5.17 5.63
N SER A 200 14.79 5.63 6.52
CA SER A 200 16.04 4.93 6.80
C SER A 200 15.74 3.57 7.42
N TRP A 201 14.86 3.55 8.41
CA TRP A 201 14.48 2.31 9.07
C TRP A 201 13.81 1.34 8.10
N VAL A 202 12.90 1.84 7.28
CA VAL A 202 12.22 0.99 6.31
C VAL A 202 13.23 0.40 5.33
N LEU A 203 14.24 1.19 4.96
CA LEU A 203 15.26 0.71 4.04
C LEU A 203 16.02 -0.48 4.65
N PHE A 204 16.31 -0.42 5.93
CA PHE A 204 17.01 -1.54 6.58
C PHE A 204 16.16 -2.80 6.51
N ASN A 205 14.85 -2.63 6.63
CA ASN A 205 13.92 -3.75 6.58
C ASN A 205 13.80 -4.34 5.18
N LEU A 206 13.52 -3.48 4.21
CA LEU A 206 13.26 -3.90 2.83
C LEU A 206 14.36 -3.84 1.79
N ALA A 207 15.57 -3.43 2.16
CA ALA A 207 16.65 -3.34 1.18
C ALA A 207 16.79 -4.54 0.24
N PRO A 208 16.70 -5.78 0.78
CA PRO A 208 16.82 -6.96 -0.07
C PRO A 208 15.92 -7.02 -1.30
N THR A 209 14.74 -6.41 -1.22
CA THR A 209 13.82 -6.44 -2.35
C THR A 209 13.49 -5.07 -2.97
N LEU A 210 14.27 -4.06 -2.60
CA LEU A 210 14.04 -2.72 -3.13
C LEU A 210 15.05 -2.36 -4.21
N ASP A 211 14.58 -1.64 -5.21
CA ASP A 211 15.43 -1.18 -6.30
C ASP A 211 15.59 0.31 -6.04
N LEU A 212 16.79 0.72 -5.60
CA LEU A 212 17.04 2.13 -5.30
C LEU A 212 17.55 2.93 -6.50
N GLY A 213 17.70 2.26 -7.63
CA GLY A 213 18.18 2.96 -8.82
C GLY A 213 19.69 2.93 -8.95
N LEU A 214 20.34 2.19 -8.06
CA LEU A 214 21.80 2.08 -8.10
C LEU A 214 22.20 1.04 -9.14
N PRO A 215 23.41 1.17 -9.71
CA PRO A 215 23.89 0.21 -10.72
C PRO A 215 23.98 -1.17 -10.07
N TRP A 216 23.75 -2.22 -10.86
CA TRP A 216 23.80 -3.58 -10.33
C TRP A 216 25.09 -3.91 -9.59
N PHE A 217 26.23 -3.45 -10.10
CA PHE A 217 27.49 -3.76 -9.45
C PHE A 217 27.69 -3.13 -8.08
N LEU A 218 26.78 -2.23 -7.70
CA LEU A 218 26.86 -1.61 -6.37
C LEU A 218 25.69 -2.08 -5.50
N GLN A 219 24.51 -2.15 -6.12
CA GLN A 219 23.29 -2.55 -5.43
C GLN A 219 23.25 -4.02 -5.05
N GLU A 220 23.74 -4.89 -5.92
CA GLU A 220 23.73 -6.32 -5.64
C GLU A 220 24.56 -6.75 -4.43
N PRO A 221 25.84 -6.37 -4.38
CA PRO A 221 26.66 -6.78 -3.24
C PRO A 221 26.36 -6.12 -1.89
N LEU A 222 25.88 -4.88 -1.89
CA LEU A 222 25.62 -4.22 -0.61
C LEU A 222 24.18 -4.13 -0.14
N LEU A 223 23.22 -4.53 -0.96
CA LEU A 223 21.83 -4.46 -0.55
C LEU A 223 21.02 -5.73 -0.78
N HIS A 224 21.36 -6.48 -1.83
CA HIS A 224 20.60 -7.67 -2.17
C HIS A 224 21.17 -9.04 -1.85
N THR A 225 22.31 -9.09 -1.18
CA THR A 225 22.92 -10.37 -0.84
C THR A 225 22.88 -10.69 0.64
N PHE A 226 23.10 -9.68 1.46
CA PHE A 226 23.09 -9.84 2.92
C PHE A 226 22.18 -8.81 3.58
N ARG A 227 21.75 -9.12 4.79
CA ARG A 227 20.89 -8.21 5.55
C ARG A 227 21.75 -7.11 6.17
N LEU A 228 21.22 -5.90 6.22
CA LEU A 228 21.93 -4.78 6.82
C LEU A 228 21.89 -4.94 8.34
N PRO A 229 23.04 -4.83 9.02
CA PRO A 229 23.14 -4.95 10.47
C PRO A 229 22.12 -4.08 11.20
N ALA A 230 21.30 -4.71 12.03
CA ALA A 230 20.27 -4.01 12.77
C ALA A 230 20.81 -3.03 13.81
N PHE A 231 21.96 -3.31 14.39
CA PHE A 231 22.51 -2.41 15.40
C PHE A 231 22.82 -1.02 14.86
N LEU A 232 22.95 -0.91 13.53
CA LEU A 232 23.26 0.37 12.90
C LEU A 232 22.08 1.34 12.85
N ILE A 233 20.86 0.81 12.92
CA ILE A 233 19.68 1.64 12.83
C ILE A 233 18.99 1.79 14.20
N LYS A 234 19.52 1.11 15.21
CA LYS A 234 18.96 1.16 16.54
C LYS A 234 18.72 2.58 17.04
N SER A 235 19.72 3.44 16.91
CA SER A 235 19.63 4.83 17.34
C SER A 235 18.42 5.54 16.73
N THR A 236 18.25 5.38 15.42
CA THR A 236 17.15 5.97 14.67
C THR A 236 15.80 5.42 15.14
N TYR A 237 15.74 4.10 15.29
CA TYR A 237 14.52 3.43 15.73
C TYR A 237 14.10 3.92 17.11
N ASN A 238 15.08 4.11 17.99
CA ASN A 238 14.79 4.56 19.34
C ASN A 238 14.17 5.94 19.40
N LYS A 239 14.50 6.80 18.45
CA LYS A 239 13.92 8.14 18.41
C LYS A 239 12.42 8.00 18.13
N LEU A 240 12.08 7.12 17.20
CA LEU A 240 10.69 6.88 16.85
C LEU A 240 9.97 6.22 18.02
N TYR A 241 10.62 5.22 18.64
CA TYR A 241 10.02 4.53 19.77
C TYR A 241 9.71 5.51 20.90
N ASP A 242 10.65 6.40 21.20
CA ASP A 242 10.45 7.37 22.27
C ASP A 242 9.22 8.23 22.02
N TYR A 243 8.97 8.57 20.76
CA TYR A 243 7.81 9.37 20.43
C TYR A 243 6.50 8.62 20.70
N PHE A 244 6.38 7.43 20.12
CA PHE A 244 5.16 6.64 20.31
C PHE A 244 4.91 6.24 21.76
N GLN A 245 5.97 5.90 22.48
CA GLN A 245 5.85 5.51 23.87
C GLN A 245 5.23 6.63 24.71
N SER A 246 5.49 7.88 24.33
CA SER A 246 4.97 9.02 25.08
C SER A 246 3.60 9.52 24.68
N VAL A 247 3.19 9.28 23.44
CA VAL A 247 1.90 9.77 22.96
C VAL A 247 0.80 8.74 22.78
N ALA A 248 1.15 7.45 22.74
CA ALA A 248 0.16 6.40 22.53
C ALA A 248 -0.41 5.80 23.81
N THR A 249 -0.36 6.57 24.89
CA THR A 249 -0.84 6.12 26.21
C THR A 249 -2.19 5.40 26.21
N PRO A 250 -3.24 6.02 25.65
CA PRO A 250 -4.55 5.36 25.63
C PRO A 250 -4.56 4.01 24.93
N VAL A 251 -3.78 3.88 23.87
CA VAL A 251 -3.72 2.62 23.13
C VAL A 251 -2.92 1.60 23.94
N MET A 252 -1.86 2.06 24.59
CA MET A 252 -1.03 1.19 25.41
C MET A 252 -1.83 0.65 26.60
N GLU A 253 -2.72 1.46 27.14
CA GLU A 253 -3.54 1.05 28.26
C GLU A 253 -4.57 0.01 27.82
N GLN A 254 -5.08 0.18 26.60
CA GLN A 254 -6.04 -0.77 26.05
C GLN A 254 -5.30 -2.09 25.79
N ALA A 255 -4.04 -1.99 25.39
CA ALA A 255 -3.23 -3.17 25.13
C ALA A 255 -3.17 -4.06 26.37
N GLU A 256 -2.89 -3.46 27.52
CA GLU A 256 -2.81 -4.24 28.75
C GLU A 256 -4.13 -4.95 29.00
N LYS A 257 -5.23 -4.27 28.72
CA LYS A 257 -6.57 -4.85 28.90
C LYS A 257 -6.79 -6.05 27.99
N LEU A 258 -6.11 -6.05 26.84
CA LEU A 258 -6.25 -7.14 25.88
C LEU A 258 -5.23 -8.25 26.14
N GLY A 259 -4.35 -8.02 27.12
CA GLY A 259 -3.35 -9.01 27.46
C GLY A 259 -2.00 -8.83 26.79
N VAL A 260 -1.78 -7.66 26.19
CA VAL A 260 -0.52 -7.39 25.51
C VAL A 260 0.32 -6.40 26.32
N PRO A 261 1.58 -6.77 26.62
CA PRO A 261 2.50 -5.92 27.38
C PRO A 261 2.69 -4.56 26.70
N LYS A 262 2.87 -3.50 27.50
CA LYS A 262 3.04 -2.17 26.94
C LYS A 262 4.17 -2.05 25.93
N ASP A 263 5.32 -2.65 26.23
CA ASP A 263 6.46 -2.59 25.31
C ASP A 263 6.08 -3.16 23.95
N GLU A 264 5.50 -4.36 23.94
CA GLU A 264 5.10 -4.99 22.70
C GLU A 264 4.09 -4.11 21.97
N ALA A 265 3.19 -3.50 22.74
CA ALA A 265 2.19 -2.62 22.15
C ALA A 265 2.84 -1.46 21.41
N VAL A 266 3.81 -0.82 22.03
CA VAL A 266 4.47 0.31 21.39
C VAL A 266 5.16 -0.09 20.08
N HIS A 267 5.88 -1.20 20.07
CA HIS A 267 6.54 -1.64 18.84
C HIS A 267 5.53 -1.90 17.72
N ASN A 268 4.36 -2.42 18.08
CA ASN A 268 3.32 -2.70 17.10
C ASN A 268 2.65 -1.42 16.61
N ILE A 269 2.48 -0.45 17.51
CA ILE A 269 1.88 0.82 17.14
C ILE A 269 2.84 1.56 16.23
N LEU A 270 4.13 1.54 16.58
CA LEU A 270 5.15 2.19 15.77
C LEU A 270 5.10 1.60 14.36
N PHE A 271 5.09 0.27 14.27
CA PHE A 271 5.06 -0.40 12.98
C PHE A 271 3.81 -0.04 12.17
N ALA A 272 2.64 -0.08 12.81
CA ALA A 272 1.39 0.22 12.11
C ALA A 272 1.33 1.66 11.58
N VAL A 273 1.87 2.60 12.34
CA VAL A 273 1.87 3.99 11.93
C VAL A 273 2.95 4.35 10.91
N CYS A 274 4.18 3.92 11.17
CA CYS A 274 5.31 4.23 10.30
C CYS A 274 5.45 3.35 9.08
N PHE A 275 5.27 2.05 9.27
CA PHE A 275 5.39 1.12 8.16
C PHE A 275 4.11 1.04 7.33
N ASN A 276 3.05 0.52 7.93
CA ASN A 276 1.76 0.36 7.23
C ASN A 276 1.14 1.68 6.77
N THR A 277 0.81 2.55 7.72
CA THR A 277 0.15 3.81 7.38
C THR A 277 0.97 4.79 6.55
N PHE A 278 2.02 5.33 7.15
CA PHE A 278 2.87 6.30 6.47
C PHE A 278 3.40 5.81 5.14
N GLY A 279 3.93 4.59 5.12
CA GLY A 279 4.47 4.04 3.89
C GLY A 279 3.45 3.96 2.77
N GLY A 280 2.20 3.64 3.12
CA GLY A 280 1.16 3.54 2.13
C GLY A 280 0.72 4.89 1.59
N VAL A 281 0.59 5.87 2.48
CA VAL A 281 0.19 7.21 2.08
C VAL A 281 1.29 7.88 1.25
N LYS A 282 2.54 7.55 1.57
CA LYS A 282 3.69 8.10 0.85
C LYS A 282 3.60 7.75 -0.63
N ILE A 283 2.97 6.62 -0.94
CA ILE A 283 2.82 6.16 -2.32
C ILE A 283 1.48 6.59 -2.91
N LEU A 284 0.40 6.35 -2.17
CA LEU A 284 -0.95 6.65 -2.64
C LEU A 284 -1.32 8.10 -2.95
N PHE A 285 -0.95 9.03 -2.09
CA PHE A 285 -1.33 10.42 -2.34
C PHE A 285 -0.68 10.99 -3.60
N PRO A 286 0.62 10.76 -3.80
CA PRO A 286 1.25 11.29 -5.02
C PRO A 286 0.63 10.63 -6.26
N ASN A 287 0.40 9.32 -6.20
CA ASN A 287 -0.19 8.62 -7.34
C ASN A 287 -1.59 9.13 -7.65
N THR A 288 -2.38 9.39 -6.62
CA THR A 288 -3.74 9.89 -6.82
C THR A 288 -3.67 11.28 -7.44
N LEU A 289 -2.76 12.10 -6.94
CA LEU A 289 -2.58 13.46 -7.46
C LEU A 289 -2.24 13.36 -8.94
N LYS A 290 -1.37 12.40 -9.28
CA LYS A 290 -0.97 12.18 -10.66
C LYS A 290 -2.13 11.84 -11.59
N TRP A 291 -2.91 10.82 -11.23
CA TRP A 291 -4.02 10.40 -12.08
C TRP A 291 -5.06 11.50 -12.27
N ILE A 292 -5.37 12.23 -11.20
CA ILE A 292 -6.34 13.31 -11.29
C ILE A 292 -5.78 14.44 -12.16
N GLY A 293 -4.50 14.73 -12.00
CA GLY A 293 -3.88 15.77 -12.79
C GLY A 293 -3.88 15.45 -14.26
N LEU A 294 -3.57 14.19 -14.59
CA LEU A 294 -3.53 13.77 -15.99
C LEU A 294 -4.91 13.68 -16.63
N ALA A 295 -5.95 13.63 -15.81
CA ALA A 295 -7.31 13.53 -16.30
C ALA A 295 -7.81 14.80 -16.98
N GLY A 296 -7.30 15.95 -16.57
CA GLY A 296 -7.71 17.21 -17.20
C GLY A 296 -8.74 18.05 -16.47
N GLU A 297 -8.89 19.29 -16.92
CA GLU A 297 -9.82 20.22 -16.31
C GLU A 297 -11.28 19.76 -16.32
N ASN A 298 -11.65 18.97 -17.32
CA ASN A 298 -13.03 18.47 -17.41
C ASN A 298 -13.38 17.73 -16.13
N LEU A 299 -12.49 16.83 -15.69
CA LEU A 299 -12.73 16.10 -14.46
C LEU A 299 -12.67 17.05 -13.27
N HIS A 300 -11.69 17.95 -13.29
CA HIS A 300 -11.51 18.91 -12.19
C HIS A 300 -12.78 19.71 -11.93
N THR A 301 -13.41 20.19 -12.99
CA THR A 301 -14.62 20.98 -12.84
C THR A 301 -15.77 20.16 -12.27
N GLN A 302 -15.87 18.90 -12.67
CA GLN A 302 -16.95 18.05 -12.17
C GLN A 302 -16.71 17.69 -10.70
N LEU A 303 -15.46 17.48 -10.32
CA LEU A 303 -15.14 17.16 -8.93
C LEU A 303 -15.40 18.37 -8.04
N ALA A 304 -14.93 19.54 -8.47
CA ALA A 304 -15.12 20.76 -7.69
C ALA A 304 -16.61 21.00 -7.43
N GLU A 305 -17.42 20.86 -8.47
CA GLU A 305 -18.86 21.05 -8.36
C GLU A 305 -19.48 20.07 -7.37
N GLU A 306 -19.18 18.79 -7.56
CA GLU A 306 -19.73 17.75 -6.68
C GLU A 306 -19.33 17.92 -5.22
N ILE A 307 -18.04 18.17 -5.00
CA ILE A 307 -17.51 18.34 -3.65
C ILE A 307 -18.06 19.57 -2.92
N ARG A 308 -18.00 20.72 -3.56
CA ARG A 308 -18.49 21.95 -2.93
C ARG A 308 -20.00 21.91 -2.75
N GLY A 309 -20.69 21.30 -3.71
CA GLY A 309 -22.14 21.19 -3.63
C GLY A 309 -22.60 20.31 -2.48
N ALA A 310 -21.94 19.16 -2.32
CA ALA A 310 -22.28 18.23 -1.25
C ALA A 310 -22.03 18.84 0.13
N ILE A 311 -20.91 19.57 0.26
CA ILE A 311 -20.56 20.21 1.51
C ILE A 311 -21.61 21.24 1.90
N LYS A 312 -22.01 22.06 0.94
CA LYS A 312 -23.01 23.09 1.16
C LYS A 312 -24.39 22.53 1.50
N SER A 313 -24.84 21.56 0.71
CA SER A 313 -26.17 20.98 0.90
C SER A 313 -26.30 19.95 2.02
N TYR A 314 -25.38 18.99 2.07
CA TYR A 314 -25.45 17.93 3.07
C TYR A 314 -24.58 18.13 4.30
N GLY A 315 -23.52 18.93 4.18
CA GLY A 315 -22.65 19.16 5.30
C GLY A 315 -22.95 20.48 6.00
N ASP A 316 -23.86 21.25 5.44
CA ASP A 316 -24.24 22.54 5.99
C ASP A 316 -23.02 23.44 6.11
N GLY A 317 -22.12 23.34 5.13
CA GLY A 317 -20.93 24.17 5.14
C GLY A 317 -19.65 23.50 5.61
N ASN A 318 -19.78 22.29 6.16
CA ASN A 318 -18.60 21.58 6.65
C ASN A 318 -18.45 20.20 6.02
N VAL A 319 -17.24 19.66 6.09
CA VAL A 319 -16.99 18.33 5.56
C VAL A 319 -17.41 17.35 6.66
N THR A 320 -18.39 16.52 6.35
CA THR A 320 -18.90 15.52 7.29
C THR A 320 -19.03 14.21 6.54
N LEU A 321 -19.09 13.10 7.26
CA LEU A 321 -19.22 11.80 6.61
C LEU A 321 -20.49 11.74 5.76
N GLU A 322 -21.55 12.37 6.25
CA GLU A 322 -22.81 12.42 5.53
C GLU A 322 -22.64 13.11 4.18
N ALA A 323 -21.83 14.16 4.15
CA ALA A 323 -21.60 14.89 2.91
C ALA A 323 -20.80 14.03 1.93
N ILE A 324 -19.73 13.41 2.42
CA ILE A 324 -18.89 12.57 1.59
C ILE A 324 -19.69 11.46 0.91
N GLU A 325 -20.66 10.90 1.63
CA GLU A 325 -21.47 9.83 1.07
C GLU A 325 -22.20 10.31 -0.17
N GLN A 326 -22.41 11.62 -0.28
CA GLN A 326 -23.10 12.17 -1.44
C GLN A 326 -22.15 12.70 -2.52
N MET A 327 -20.94 12.15 -2.57
CA MET A 327 -19.96 12.56 -3.58
C MET A 327 -19.58 11.32 -4.38
N PRO A 328 -20.49 10.83 -5.25
CA PRO A 328 -20.26 9.65 -6.07
C PRO A 328 -19.00 9.66 -6.94
N LEU A 329 -18.74 10.76 -7.62
CA LEU A 329 -17.56 10.84 -8.49
C LEU A 329 -16.28 10.81 -7.67
N THR A 330 -16.25 11.54 -6.55
CA THR A 330 -15.07 11.56 -5.69
C THR A 330 -14.75 10.15 -5.21
N LYS A 331 -15.78 9.41 -4.79
CA LYS A 331 -15.58 8.05 -4.33
C LYS A 331 -14.99 7.18 -5.44
N SER A 332 -15.52 7.32 -6.66
CA SER A 332 -15.05 6.53 -7.79
C SER A 332 -13.61 6.88 -8.16
N VAL A 333 -13.29 8.17 -8.13
CA VAL A 333 -11.95 8.64 -8.44
C VAL A 333 -10.91 7.99 -7.54
N VAL A 334 -11.24 7.90 -6.25
CA VAL A 334 -10.33 7.28 -5.29
C VAL A 334 -10.21 5.78 -5.56
N TYR A 335 -11.33 5.10 -5.77
CA TYR A 335 -11.29 3.66 -6.05
C TYR A 335 -10.53 3.37 -7.33
N GLU A 336 -10.65 4.24 -8.35
CA GLU A 336 -9.96 4.01 -9.62
C GLU A 336 -8.46 4.17 -9.45
N SER A 337 -8.05 5.06 -8.55
CA SER A 337 -6.64 5.26 -8.28
C SER A 337 -6.08 3.97 -7.64
N LEU A 338 -6.84 3.42 -6.70
CA LEU A 338 -6.43 2.19 -6.01
C LEU A 338 -6.44 0.96 -6.94
N ARG A 339 -7.31 0.96 -7.94
CA ARG A 339 -7.37 -0.16 -8.88
C ARG A 339 -6.24 -0.16 -9.89
N ILE A 340 -6.08 0.98 -10.57
CA ILE A 340 -5.09 1.10 -11.62
C ILE A 340 -3.64 1.02 -11.14
N GLU A 341 -3.40 1.41 -9.89
CA GLU A 341 -2.05 1.36 -9.36
C GLU A 341 -2.05 0.99 -7.87
N PRO A 342 -2.24 -0.31 -7.56
CA PRO A 342 -2.24 -0.77 -6.17
C PRO A 342 -0.97 -0.27 -5.48
N PRO A 343 -1.10 0.42 -4.33
CA PRO A 343 0.08 0.93 -3.63
C PRO A 343 1.04 -0.18 -3.19
N VAL A 344 0.49 -1.33 -2.83
CA VAL A 344 1.28 -2.49 -2.41
C VAL A 344 0.97 -3.61 -3.39
N PRO A 345 1.80 -3.75 -4.44
CA PRO A 345 1.61 -4.78 -5.47
C PRO A 345 1.72 -6.27 -5.15
N PRO A 346 2.69 -6.68 -4.31
CA PRO A 346 2.83 -8.11 -4.01
C PRO A 346 2.15 -8.74 -2.80
N GLN A 347 1.42 -9.83 -3.05
CA GLN A 347 0.75 -10.57 -1.99
C GLN A 347 1.19 -12.03 -2.05
N TYR A 348 1.50 -12.61 -0.89
CA TYR A 348 1.96 -14.00 -0.79
C TYR A 348 1.07 -14.84 0.14
N GLY A 349 1.05 -16.14 -0.12
CA GLY A 349 0.29 -17.05 0.71
C GLY A 349 0.84 -18.46 0.53
N LYS A 350 0.94 -19.23 1.61
CA LYS A 350 1.46 -20.59 1.50
C LYS A 350 0.36 -21.63 1.62
N ALA A 351 0.30 -22.54 0.67
CA ALA A 351 -0.73 -23.58 0.66
C ALA A 351 -0.72 -24.43 1.93
N LYS A 352 -1.88 -24.55 2.57
CA LYS A 352 -1.97 -25.35 3.80
C LYS A 352 -2.37 -26.80 3.51
N SER A 353 -2.73 -27.06 2.26
CA SER A 353 -3.12 -28.40 1.83
C SER A 353 -3.09 -28.44 0.31
N ASN A 354 -3.39 -29.61 -0.26
CA ASN A 354 -3.41 -29.74 -1.71
C ASN A 354 -4.79 -29.30 -2.20
N PHE A 355 -4.81 -28.44 -3.20
CA PHE A 355 -6.07 -27.98 -3.76
C PHE A 355 -5.88 -27.50 -5.19
N THR A 356 -6.98 -27.26 -5.87
CA THR A 356 -6.94 -26.81 -7.25
C THR A 356 -7.29 -25.33 -7.39
N ILE A 357 -6.66 -24.68 -8.36
CA ILE A 357 -6.93 -23.27 -8.65
C ILE A 357 -7.07 -23.22 -10.16
N GLU A 358 -7.77 -22.21 -10.67
CA GLU A 358 -7.90 -22.13 -12.12
C GLU A 358 -7.67 -20.73 -12.65
N SER A 359 -7.13 -20.67 -13.85
CA SER A 359 -6.89 -19.40 -14.53
C SER A 359 -8.10 -19.26 -15.44
N HIS A 360 -7.99 -18.42 -16.46
CA HIS A 360 -9.12 -18.25 -17.38
C HIS A 360 -9.24 -19.38 -18.41
N ASP A 361 -8.23 -20.25 -18.48
CA ASP A 361 -8.29 -21.34 -19.46
C ASP A 361 -7.69 -22.67 -19.02
N ALA A 362 -7.30 -22.77 -17.76
CA ALA A 362 -6.72 -24.03 -17.28
C ALA A 362 -6.91 -24.23 -15.79
N THR A 363 -6.79 -25.49 -15.37
CA THR A 363 -6.92 -25.88 -13.98
C THR A 363 -5.56 -26.40 -13.54
N PHE A 364 -5.13 -26.00 -12.34
CA PHE A 364 -3.83 -26.40 -11.81
C PHE A 364 -3.92 -26.94 -10.39
N GLU A 365 -3.00 -27.84 -10.05
CA GLU A 365 -2.96 -28.41 -8.71
C GLU A 365 -1.85 -27.75 -7.89
N VAL A 366 -2.21 -27.28 -6.70
CA VAL A 366 -1.25 -26.66 -5.81
C VAL A 366 -1.00 -27.62 -4.66
N LYS A 367 0.27 -27.88 -4.35
CA LYS A 367 0.61 -28.81 -3.28
C LYS A 367 0.88 -28.10 -1.96
N LYS A 368 0.53 -28.77 -0.87
CA LYS A 368 0.74 -28.23 0.47
C LYS A 368 2.19 -27.76 0.62
N GLY A 369 2.37 -26.56 1.17
CA GLY A 369 3.70 -26.04 1.38
C GLY A 369 4.20 -25.11 0.29
N GLU A 370 3.56 -25.13 -0.87
CA GLU A 370 4.00 -24.26 -1.96
C GLU A 370 3.63 -22.82 -1.72
N MET A 371 4.55 -21.92 -2.06
CA MET A 371 4.31 -20.49 -1.88
C MET A 371 3.63 -19.89 -3.11
N LEU A 372 2.47 -19.29 -2.89
CA LEU A 372 1.72 -18.65 -3.96
C LEU A 372 2.03 -17.16 -3.90
N PHE A 373 2.15 -16.54 -5.07
CA PHE A 373 2.46 -15.13 -5.17
C PHE A 373 1.57 -14.46 -6.19
N GLY A 374 0.96 -13.34 -5.82
CA GLY A 374 0.11 -12.63 -6.75
C GLY A 374 0.64 -11.24 -7.01
N TYR A 375 0.70 -10.84 -8.28
CA TYR A 375 1.17 -9.51 -8.63
C TYR A 375 -0.12 -8.72 -8.93
N GLN A 376 -0.61 -8.04 -7.91
CA GLN A 376 -1.87 -7.32 -8.03
C GLN A 376 -2.08 -6.40 -9.22
N PRO A 377 -1.08 -5.59 -9.60
CA PRO A 377 -1.27 -4.69 -10.75
C PRO A 377 -1.80 -5.38 -12.01
N PHE A 378 -1.37 -6.61 -12.26
CA PHE A 378 -1.83 -7.35 -13.42
C PHE A 378 -3.24 -7.88 -13.22
N ALA A 379 -3.51 -8.37 -12.02
CA ALA A 379 -4.82 -8.91 -11.70
C ALA A 379 -5.95 -7.86 -11.73
N THR A 380 -5.67 -6.64 -11.26
CA THR A 380 -6.71 -5.61 -11.28
C THR A 380 -6.81 -4.90 -12.63
N LYS A 381 -6.11 -5.43 -13.61
CA LYS A 381 -6.15 -4.88 -14.97
C LYS A 381 -6.55 -5.98 -15.94
N ASP A 382 -7.22 -7.00 -15.41
CA ASP A 382 -7.68 -8.14 -16.20
C ASP A 382 -8.79 -7.68 -17.13
N PRO A 383 -8.55 -7.71 -18.45
CA PRO A 383 -9.57 -7.28 -19.41
C PRO A 383 -10.89 -8.04 -19.36
N LYS A 384 -10.90 -9.21 -18.73
CA LYS A 384 -12.13 -9.98 -18.62
C LYS A 384 -13.01 -9.41 -17.51
N VAL A 385 -12.46 -8.48 -16.75
CA VAL A 385 -13.19 -7.84 -15.66
C VAL A 385 -13.42 -6.36 -15.97
N PHE A 386 -12.35 -5.66 -16.33
CA PHE A 386 -12.41 -4.23 -16.61
C PHE A 386 -12.21 -3.87 -18.07
N ASP A 387 -13.10 -3.04 -18.62
CA ASP A 387 -12.96 -2.59 -20.00
C ASP A 387 -11.88 -1.51 -19.96
N ARG A 388 -11.05 -1.43 -21.00
CA ARG A 388 -9.97 -0.44 -21.02
C ARG A 388 -9.26 -0.42 -19.67
N PRO A 389 -8.76 -1.59 -19.24
CA PRO A 389 -8.06 -1.75 -17.96
C PRO A 389 -6.82 -0.90 -17.74
N GLU A 390 -6.15 -0.53 -18.82
CA GLU A 390 -4.93 0.28 -18.73
C GLU A 390 -5.23 1.77 -18.66
N GLU A 391 -6.51 2.13 -18.78
CA GLU A 391 -6.89 3.53 -18.74
C GLU A 391 -7.51 3.94 -17.41
N TYR A 392 -7.25 5.18 -17.00
CA TYR A 392 -7.81 5.71 -15.77
C TYR A 392 -9.18 6.27 -16.15
N VAL A 393 -10.23 5.59 -15.75
CA VAL A 393 -11.60 6.04 -16.04
C VAL A 393 -12.19 6.54 -14.73
N PRO A 394 -12.21 7.87 -14.55
CA PRO A 394 -12.72 8.52 -13.34
C PRO A 394 -14.03 7.99 -12.76
N ASP A 395 -15.02 7.78 -13.61
CA ASP A 395 -16.34 7.32 -13.15
C ASP A 395 -16.58 5.82 -13.32
N ARG A 396 -15.50 5.05 -13.38
CA ARG A 396 -15.63 3.61 -13.57
C ARG A 396 -16.50 2.93 -12.50
N PHE A 397 -16.49 3.44 -11.29
CA PHE A 397 -17.25 2.83 -10.20
C PHE A 397 -18.54 3.53 -9.81
N VAL A 398 -18.99 4.46 -10.64
CA VAL A 398 -20.24 5.19 -10.36
C VAL A 398 -21.42 4.37 -10.86
N GLY A 399 -22.54 4.45 -10.15
CA GLY A 399 -23.73 3.71 -10.56
C GLY A 399 -23.53 2.21 -10.56
N ASP A 400 -23.96 1.55 -11.64
CA ASP A 400 -23.82 0.09 -11.74
C ASP A 400 -22.37 -0.34 -11.61
N GLY A 401 -21.44 0.54 -11.97
CA GLY A 401 -20.02 0.22 -11.89
C GLY A 401 -19.61 -0.13 -10.46
N GLU A 402 -20.43 0.25 -9.50
CA GLU A 402 -20.13 -0.04 -8.11
C GLU A 402 -20.00 -1.54 -7.88
N ALA A 403 -20.66 -2.32 -8.72
CA ALA A 403 -20.63 -3.78 -8.60
C ALA A 403 -19.21 -4.31 -8.79
N LEU A 404 -18.39 -3.53 -9.47
CA LEU A 404 -17.02 -3.93 -9.74
C LEU A 404 -16.05 -3.75 -8.57
N LEU A 405 -16.54 -3.22 -7.44
CA LEU A 405 -15.68 -3.01 -6.28
C LEU A 405 -15.24 -4.37 -5.73
N LYS A 406 -15.95 -5.41 -6.14
CA LYS A 406 -15.62 -6.76 -5.71
C LYS A 406 -14.22 -7.12 -6.21
N TYR A 407 -13.77 -6.40 -7.23
CA TYR A 407 -12.46 -6.64 -7.83
C TYR A 407 -11.37 -5.63 -7.50
N VAL A 408 -11.64 -4.71 -6.58
CA VAL A 408 -10.64 -3.73 -6.15
C VAL A 408 -10.01 -4.40 -4.94
N TRP A 409 -8.75 -4.79 -5.07
CA TRP A 409 -8.07 -5.54 -4.01
C TRP A 409 -6.86 -4.91 -3.32
N TRP A 410 -6.76 -3.58 -3.36
CA TRP A 410 -5.62 -2.91 -2.74
C TRP A 410 -5.36 -3.29 -1.28
N SER A 411 -6.43 -3.61 -0.55
CA SER A 411 -6.34 -3.93 0.87
C SER A 411 -6.12 -5.41 1.19
N ASN A 412 -5.82 -6.20 0.17
CA ASN A 412 -5.64 -7.64 0.32
C ASN A 412 -6.99 -8.29 0.66
N GLY A 413 -7.99 -7.87 -0.09
CA GLY A 413 -9.32 -8.40 0.09
C GLY A 413 -10.25 -7.59 -0.79
N PRO A 414 -11.47 -8.08 -1.06
CA PRO A 414 -12.40 -7.34 -1.90
C PRO A 414 -12.74 -6.05 -1.16
N GLU A 415 -12.92 -4.96 -1.90
CA GLU A 415 -13.22 -3.67 -1.28
C GLU A 415 -14.52 -3.74 -0.49
N THR A 416 -15.39 -4.67 -0.85
CA THR A 416 -16.68 -4.84 -0.19
C THR A 416 -16.61 -5.58 1.13
N GLU A 417 -15.48 -6.20 1.42
CA GLU A 417 -15.32 -6.92 2.68
C GLU A 417 -14.61 -6.07 3.72
N SER A 418 -14.82 -6.41 4.99
CA SER A 418 -14.21 -5.66 6.08
C SER A 418 -13.10 -6.45 6.75
N PRO A 419 -12.06 -5.75 7.24
CA PRO A 419 -10.96 -6.48 7.91
C PRO A 419 -11.51 -7.04 9.22
N THR A 420 -11.02 -8.20 9.62
CA THR A 420 -11.48 -8.84 10.84
C THR A 420 -10.30 -9.55 11.48
N VAL A 421 -10.50 -10.09 12.68
CA VAL A 421 -9.43 -10.81 13.33
C VAL A 421 -9.25 -12.16 12.64
N GLU A 422 -10.25 -12.55 11.84
CA GLU A 422 -10.19 -13.82 11.13
C GLU A 422 -9.48 -13.76 9.77
N ASN A 423 -9.31 -12.56 9.21
CA ASN A 423 -8.62 -12.46 7.92
C ASN A 423 -7.35 -11.63 7.99
N LYS A 424 -6.70 -11.47 6.85
CA LYS A 424 -5.46 -10.70 6.77
C LYS A 424 -5.63 -9.44 5.91
N GLN A 425 -6.87 -8.96 5.84
CA GLN A 425 -7.14 -7.74 5.08
C GLN A 425 -6.67 -6.53 5.90
N CYS A 426 -6.16 -5.52 5.20
CA CYS A 426 -5.67 -4.30 5.84
C CYS A 426 -6.55 -3.82 7.00
N ALA A 427 -5.98 -3.70 8.19
CA ALA A 427 -6.74 -3.25 9.36
C ALA A 427 -7.27 -1.83 9.20
N GLY A 428 -6.56 -1.01 8.44
CA GLY A 428 -7.01 0.36 8.27
C GLY A 428 -7.74 0.64 6.97
N LYS A 429 -8.33 -0.40 6.38
CA LYS A 429 -9.04 -0.25 5.11
C LYS A 429 -9.95 0.98 5.01
N ASP A 430 -10.92 1.10 5.91
CA ASP A 430 -11.84 2.24 5.86
C ASP A 430 -11.15 3.57 6.10
N PHE A 431 -10.12 3.55 6.96
CA PHE A 431 -9.36 4.76 7.27
C PHE A 431 -8.66 5.29 6.02
N VAL A 432 -8.00 4.42 5.26
CA VAL A 432 -7.31 4.92 4.07
C VAL A 432 -8.29 5.44 3.01
N VAL A 433 -9.42 4.77 2.85
CA VAL A 433 -10.41 5.21 1.88
C VAL A 433 -10.92 6.59 2.29
N LEU A 434 -11.16 6.77 3.58
CA LEU A 434 -11.64 8.06 4.07
C LEU A 434 -10.61 9.16 3.86
N ILE A 435 -9.37 8.95 4.30
CA ILE A 435 -8.38 10.02 4.15
C ILE A 435 -8.01 10.33 2.70
N THR A 436 -8.10 9.34 1.82
CA THR A 436 -7.78 9.59 0.41
C THR A 436 -8.90 10.43 -0.19
N ARG A 437 -10.14 10.17 0.23
CA ARG A 437 -11.27 10.97 -0.24
C ARG A 437 -11.09 12.39 0.31
N LEU A 438 -10.62 12.50 1.56
CA LEU A 438 -10.40 13.81 2.17
C LEU A 438 -9.30 14.57 1.43
N PHE A 439 -8.30 13.85 0.93
CA PHE A 439 -7.20 14.47 0.18
C PHE A 439 -7.79 15.16 -1.06
N VAL A 440 -8.60 14.42 -1.80
CA VAL A 440 -9.23 14.94 -3.01
C VAL A 440 -10.17 16.10 -2.67
N ILE A 441 -10.94 15.93 -1.60
CA ILE A 441 -11.87 16.96 -1.15
C ILE A 441 -11.16 18.26 -0.78
N GLU A 442 -10.11 18.17 0.02
CA GLU A 442 -9.38 19.38 0.42
C GLU A 442 -8.76 20.07 -0.79
N LEU A 443 -8.31 19.28 -1.74
CA LEU A 443 -7.69 19.81 -2.94
C LEU A 443 -8.70 20.66 -3.73
N PHE A 444 -9.90 20.14 -3.92
CA PHE A 444 -10.90 20.86 -4.69
C PHE A 444 -11.75 21.87 -3.95
N ARG A 445 -11.59 21.97 -2.64
CA ARG A 445 -12.32 22.99 -1.89
C ARG A 445 -11.50 24.27 -2.08
N ARG A 446 -10.19 24.08 -2.24
CA ARG A 446 -9.26 25.20 -2.40
C ARG A 446 -8.96 25.60 -3.84
N TYR A 447 -8.87 24.61 -4.73
CA TYR A 447 -8.55 24.88 -6.13
C TYR A 447 -9.58 24.42 -7.13
N ASP A 448 -9.64 25.12 -8.26
CA ASP A 448 -10.55 24.76 -9.34
C ASP A 448 -9.86 23.75 -10.24
N SER A 449 -8.55 23.87 -10.36
CA SER A 449 -7.77 22.98 -11.21
C SER A 449 -6.29 23.09 -10.88
N PHE A 450 -5.48 22.22 -11.49
CA PHE A 450 -4.04 22.24 -11.26
C PHE A 450 -3.32 21.50 -12.38
N GLU A 451 -2.03 21.78 -12.51
CA GLU A 451 -1.20 21.14 -13.52
C GLU A 451 0.02 20.55 -12.85
N ILE A 452 0.53 19.46 -13.39
CA ILE A 452 1.69 18.80 -12.83
C ILE A 452 2.67 18.31 -13.89
N GLU A 453 3.85 17.90 -13.42
CA GLU A 453 4.88 17.34 -14.27
C GLU A 453 5.36 16.13 -13.49
N LEU A 454 5.70 15.06 -14.21
CA LEU A 454 6.14 13.83 -13.56
C LEU A 454 7.63 13.55 -13.72
N GLY A 455 8.25 13.06 -12.66
CA GLY A 455 9.66 12.75 -12.69
C GLY A 455 9.90 11.26 -12.52
N GLU A 456 11.09 10.81 -12.88
CA GLU A 456 11.44 9.40 -12.76
C GLU A 456 11.96 9.08 -11.37
N SER A 457 11.10 8.51 -10.53
CA SER A 457 11.47 8.15 -9.17
C SER A 457 11.39 6.63 -8.99
N PRO A 458 12.26 6.09 -8.13
CA PRO A 458 12.30 4.65 -7.86
C PRO A 458 11.16 4.15 -6.96
N LEU A 459 10.93 4.86 -5.87
CA LEU A 459 9.88 4.49 -4.92
C LEU A 459 8.56 5.22 -5.16
N GLY A 460 7.93 4.94 -6.30
CA GLY A 460 6.67 5.57 -6.62
C GLY A 460 6.72 6.55 -7.78
N ALA A 461 5.92 7.60 -7.70
CA ALA A 461 5.87 8.62 -8.74
C ALA A 461 6.25 9.98 -8.17
N ALA A 462 7.17 10.66 -8.84
CA ALA A 462 7.60 11.99 -8.40
C ALA A 462 6.68 13.02 -9.05
N VAL A 463 5.90 13.70 -8.24
CA VAL A 463 4.95 14.68 -8.75
C VAL A 463 5.33 16.13 -8.38
N THR A 464 5.35 16.99 -9.39
CA THR A 464 5.66 18.40 -9.17
C THR A 464 4.51 19.25 -9.70
N LEU A 465 4.02 20.16 -8.86
CA LEU A 465 2.93 21.04 -9.27
C LEU A 465 3.51 22.17 -10.11
N THR A 466 2.87 22.48 -11.23
CA THR A 466 3.34 23.56 -12.10
C THR A 466 2.34 24.70 -12.16
N PHE A 467 1.14 24.46 -11.63
CA PHE A 467 0.12 25.50 -11.59
C PHE A 467 -1.03 25.09 -10.67
N LEU A 468 -1.58 26.08 -9.97
CA LEU A 468 -2.69 25.88 -9.06
C LEU A 468 -3.69 27.01 -9.23
N LYS A 469 -4.87 26.70 -9.77
CA LYS A 469 -5.90 27.71 -9.96
C LYS A 469 -6.76 27.81 -8.71
N ARG A 470 -6.65 28.91 -7.99
CA ARG A 470 -7.43 29.10 -6.76
C ARG A 470 -8.92 29.23 -7.01
N ALA A 471 -9.71 28.71 -6.09
CA ALA A 471 -11.16 28.79 -6.20
C ALA A 471 -11.61 30.22 -5.88
N SER A 472 -10.91 30.85 -4.94
CA SER A 472 -11.24 32.22 -4.53
C SER A 472 -9.99 33.05 -4.21
N ILE A 473 -10.02 34.31 -4.59
CA ILE A 473 -8.91 35.22 -4.36
C ILE A 473 -7.68 34.83 -5.17
CHA HEM B . -2.11 -5.12 5.91
CHB HEM B . -2.05 -1.96 2.36
CHC HEM B . -2.84 1.65 5.45
CHD HEM B . -2.86 -1.55 9.01
C1A HEM B . -2.06 -4.59 4.63
C2A HEM B . -1.88 -5.35 3.47
C3A HEM B . -1.85 -4.46 2.47
C4A HEM B . -2.02 -3.12 3.01
CMA HEM B . -1.66 -4.75 0.96
CAA HEM B . -1.73 -6.85 3.30
CBA HEM B . -0.31 -7.35 3.42
CGA HEM B . -0.19 -8.86 3.22
O1A HEM B . -0.55 -9.66 4.12
O2A HEM B . 0.24 -9.24 2.18
C1B HEM B . -2.23 -0.65 2.87
C2B HEM B . -2.21 0.55 2.06
C3B HEM B . -2.45 1.62 3.01
C4B HEM B . -2.58 0.98 4.27
CMB HEM B . -1.99 0.63 0.59
CAB HEM B . -2.51 3.04 2.67
CBB HEM B . -3.33 3.59 1.80
C1C HEM B . -2.95 1.06 6.70
C2C HEM B . -3.22 1.83 7.91
C3C HEM B . -3.23 0.94 8.99
C4C HEM B . -2.95 -0.40 8.33
CMC HEM B . -3.45 3.35 7.94
CAC HEM B . -3.44 1.21 10.30
CBC HEM B . -2.79 1.63 11.34
C1D HEM B . -2.63 -2.80 8.48
C2D HEM B . -2.52 -4.03 9.31
C3D HEM B . -2.31 -5.04 8.42
C4D HEM B . -2.29 -4.43 7.08
CMD HEM B . -2.62 -4.06 10.82
CAD HEM B . -2.14 -6.50 8.77
CBD HEM B . -3.47 -7.08 9.16
CGD HEM B . -3.44 -8.48 9.58
O1D HEM B . -2.37 -9.00 10.00
O2D HEM B . -4.49 -9.11 9.53
NA HEM B . -2.18 -3.21 4.37
NB HEM B . -2.44 -0.43 4.17
NC HEM B . -2.83 -0.29 6.99
ND HEM B . -2.47 -3.08 7.17
FE HEM B . -2.52 -1.75 5.68
#